data_5FE0
#
_entry.id   5FE0
#
_cell.length_a   99.172
_cell.length_b   99.172
_cell.length_c   101.148
_cell.angle_alpha   90.00
_cell.angle_beta   90.00
_cell.angle_gamma   120.00
#
_symmetry.space_group_name_H-M   'H 3'
#
loop_
_entity.id
_entity.type
_entity.pdbx_description
1 polymer 'Histone acetyltransferase KAT2B'
2 non-polymer N(6)-ACETYLLYSINE
3 water water
#
_entity_poly.entity_id   1
_entity_poly.type   'polypeptide(L)'
_entity_poly.pdbx_seq_one_letter_code
;SMGKEKSKEPRDPDQLYSTLKSILQQVKSHQSAWPFMEPVKRTEAPGYYEVIRFPMDLKTMSERLKNRYYVSKKLFMADL
QRVFTNCKEYNPPESEYYKCANILEKFFFSKIKEAGLID
;
_entity_poly.pdbx_strand_id   A,B
#
# COMPACT_ATOMS: atom_id res chain seq x y z
N ASP A 12 -20.99 -14.71 12.80
CA ASP A 12 -19.59 -14.41 12.36
C ASP A 12 -19.45 -13.95 10.87
N PRO A 13 -19.99 -14.70 9.88
CA PRO A 13 -19.81 -14.29 8.46
C PRO A 13 -20.55 -12.98 8.06
N ASP A 14 -21.84 -12.92 8.36
CA ASP A 14 -22.64 -11.66 8.35
C ASP A 14 -22.17 -10.55 9.33
N GLN A 15 -21.39 -10.93 10.33
CA GLN A 15 -20.74 -10.00 11.24
C GLN A 15 -19.63 -9.25 10.44
N LEU A 16 -18.82 -10.03 9.74
CA LEU A 16 -17.80 -9.50 8.83
C LEU A 16 -18.47 -8.68 7.70
N TYR A 17 -19.44 -9.29 7.04
CA TYR A 17 -20.20 -8.64 5.98
C TYR A 17 -20.70 -7.26 6.39
N SER A 18 -21.28 -7.15 7.57
CA SER A 18 -21.87 -5.88 8.03
C SER A 18 -20.83 -4.83 8.25
N THR A 19 -19.79 -5.23 8.98
CA THR A 19 -18.63 -4.37 9.23
C THR A 19 -18.04 -3.86 7.91
N LEU A 20 -17.79 -4.78 6.98
CA LEU A 20 -17.17 -4.41 5.70
C LEU A 20 -18.05 -3.47 4.89
N LYS A 21 -19.36 -3.75 4.85
CA LYS A 21 -20.34 -2.89 4.18
C LYS A 21 -20.36 -1.49 4.75
N SER A 22 -20.40 -1.40 6.08
CA SER A 22 -20.31 -0.11 6.75
C SER A 22 -19.04 0.63 6.34
N ILE A 23 -17.91 -0.04 6.47
CA ILE A 23 -16.63 0.59 6.12
C ILE A 23 -16.56 1.03 4.66
N LEU A 24 -16.94 0.13 3.74
CA LEU A 24 -16.93 0.47 2.34
C LEU A 24 -17.84 1.66 2.01
N GLN A 25 -18.99 1.70 2.66
CA GLN A 25 -19.94 2.76 2.40
C GLN A 25 -19.39 4.14 2.84
N GLN A 26 -18.69 4.13 3.95
CA GLN A 26 -18.09 5.36 4.46
C GLN A 26 -16.93 5.84 3.59
N VAL A 27 -16.15 4.87 3.12
CA VAL A 27 -15.06 5.17 2.18
C VAL A 27 -15.63 5.78 0.91
N LYS A 28 -16.68 5.18 0.38
CA LYS A 28 -17.36 5.72 -0.81
C LYS A 28 -17.97 7.11 -0.68
N SER A 29 -18.45 7.45 0.52
CA SER A 29 -19.07 8.74 0.78
C SER A 29 -18.06 9.82 1.04
N HIS A 30 -16.83 9.43 1.33
CA HIS A 30 -15.81 10.38 1.66
C HIS A 30 -15.54 11.27 0.44
N GLN A 31 -15.17 12.51 0.70
CA GLN A 31 -15.00 13.54 -0.31
C GLN A 31 -13.77 13.32 -1.24
N SER A 32 -12.76 12.65 -0.75
CA SER A 32 -11.61 12.22 -1.56
C SER A 32 -11.78 10.86 -2.31
N ALA A 33 -12.95 10.25 -2.25
CA ALA A 33 -13.19 9.00 -2.94
C ALA A 33 -13.52 9.17 -4.40
N TRP A 34 -13.78 10.38 -4.86
CA TRP A 34 -14.35 10.56 -6.21
C TRP A 34 -13.48 9.95 -7.35
N PRO A 35 -12.14 10.01 -7.26
CA PRO A 35 -11.38 9.36 -8.37
C PRO A 35 -11.52 7.87 -8.50
N PHE A 36 -12.00 7.19 -7.45
CA PHE A 36 -11.95 5.76 -7.35
C PHE A 36 -13.32 5.10 -7.40
N MET A 37 -14.35 5.87 -7.75
CA MET A 37 -15.74 5.37 -7.65
C MET A 37 -16.10 4.33 -8.71
N GLU A 38 -15.54 4.47 -9.89
CA GLU A 38 -15.80 3.53 -10.97
C GLU A 38 -14.49 3.15 -11.62
N PRO A 39 -14.48 2.05 -12.41
CA PRO A 39 -13.29 1.74 -13.20
C PRO A 39 -12.75 2.97 -13.94
N VAL A 40 -11.43 3.11 -13.93
CA VAL A 40 -10.79 4.18 -14.70
C VAL A 40 -11.26 4.13 -16.17
N LYS A 41 -11.71 5.27 -16.70
CA LYS A 41 -12.17 5.37 -18.12
C LYS A 41 -10.99 5.61 -19.06
N ARG A 42 -10.92 4.85 -20.15
CA ARG A 42 -9.89 5.07 -21.23
C ARG A 42 -9.87 6.49 -21.74
N THR A 43 -11.04 7.11 -21.85
CA THR A 43 -11.14 8.46 -22.36
C THR A 43 -10.48 9.46 -21.42
N GLU A 44 -10.48 9.15 -20.12
CA GLU A 44 -9.77 10.00 -19.18
C GLU A 44 -8.28 9.68 -19.10
N ALA A 45 -7.91 8.43 -19.29
CA ALA A 45 -6.57 7.96 -19.09
C ALA A 45 -6.23 6.94 -20.25
N PRO A 46 -5.94 7.43 -21.44
CA PRO A 46 -5.86 6.53 -22.63
C PRO A 46 -4.99 5.24 -22.54
N GLY A 47 -3.81 5.32 -21.93
CA GLY A 47 -2.92 4.13 -21.82
C GLY A 47 -2.85 3.47 -20.47
N TYR A 48 -3.91 3.63 -19.69
CA TYR A 48 -3.96 3.17 -18.29
C TYR A 48 -3.92 1.67 -18.17
N TYR A 49 -4.78 1.02 -18.94
CA TYR A 49 -4.85 -0.42 -18.93
C TYR A 49 -3.64 -1.09 -19.56
N GLU A 50 -2.73 -0.30 -20.14
CA GLU A 50 -1.41 -0.77 -20.59
C GLU A 50 -0.37 -0.70 -19.44
N VAL A 51 -0.54 0.24 -18.52
CA VAL A 51 0.38 0.39 -17.35
C VAL A 51 -0.06 -0.43 -16.10
N ILE A 52 -1.37 -0.50 -15.85
CA ILE A 52 -1.92 -1.08 -14.63
C ILE A 52 -2.53 -2.45 -14.88
N ARG A 53 -1.94 -3.47 -14.26
CA ARG A 53 -2.25 -4.86 -14.56
C ARG A 53 -3.50 -5.33 -13.86
N PHE A 54 -3.67 -4.94 -12.58
CA PHE A 54 -4.78 -5.37 -11.75
C PHE A 54 -5.57 -4.13 -11.29
N PRO A 55 -6.41 -3.57 -12.18
CA PRO A 55 -7.26 -2.44 -11.82
C PRO A 55 -8.31 -2.75 -10.75
N MET A 56 -8.62 -1.78 -9.91
CA MET A 56 -9.61 -1.96 -8.87
C MET A 56 -10.26 -0.62 -8.59
N ASP A 57 -11.52 -0.67 -8.22
CA ASP A 57 -12.26 0.54 -7.91
C ASP A 57 -13.35 0.19 -6.92
N LEU A 58 -13.99 1.21 -6.39
CA LEU A 58 -14.98 1.02 -5.35
C LEU A 58 -16.32 0.42 -5.81
N LYS A 59 -16.71 0.63 -7.08
CA LYS A 59 -17.89 -0.02 -7.64
C LYS A 59 -17.71 -1.55 -7.71
N THR A 60 -16.60 -1.97 -8.28
CA THR A 60 -16.20 -3.36 -8.32
C THR A 60 -16.16 -3.95 -6.91
N MET A 61 -15.63 -3.18 -5.94
CA MET A 61 -15.54 -3.66 -4.56
C MET A 61 -16.91 -3.84 -3.93
N SER A 62 -17.85 -2.94 -4.23
CA SER A 62 -19.25 -3.11 -3.83
C SER A 62 -19.92 -4.35 -4.38
N GLU A 63 -19.66 -4.66 -5.63
CA GLU A 63 -20.22 -5.84 -6.24
C GLU A 63 -19.61 -7.07 -5.59
N ARG A 64 -18.28 -7.09 -5.47
CA ARG A 64 -17.61 -8.20 -4.82
C ARG A 64 -18.12 -8.45 -3.41
N LEU A 65 -18.33 -7.37 -2.66
CA LEU A 65 -18.94 -7.47 -1.34
C LEU A 65 -20.33 -8.12 -1.41
N LYS A 66 -21.20 -7.61 -2.29
CA LYS A 66 -22.54 -8.20 -2.52
C LYS A 66 -22.50 -9.65 -2.99
N ASN A 67 -21.46 -9.98 -3.75
CA ASN A 67 -21.22 -11.36 -4.20
C ASN A 67 -20.53 -12.25 -3.16
N ARG A 68 -20.45 -11.79 -1.91
CA ARG A 68 -19.89 -12.58 -0.80
C ARG A 68 -18.44 -13.07 -1.05
N TYR A 69 -17.66 -12.25 -1.75
CA TYR A 69 -16.25 -12.55 -1.99
C TYR A 69 -15.37 -12.24 -0.79
N TYR A 70 -15.70 -11.22 -0.02
CA TYR A 70 -14.84 -10.82 1.10
C TYR A 70 -15.08 -11.69 2.36
N VAL A 71 -14.63 -12.95 2.29
CA VAL A 71 -14.72 -13.91 3.41
C VAL A 71 -13.63 -13.71 4.50
N SER A 72 -12.72 -12.76 4.29
CA SER A 72 -11.73 -12.35 5.30
C SER A 72 -11.35 -10.87 5.21
N LYS A 73 -10.82 -10.36 6.33
CA LYS A 73 -10.21 -9.03 6.38
C LYS A 73 -9.18 -8.87 5.25
N LYS A 74 -8.26 -9.84 5.11
CA LYS A 74 -7.14 -9.70 4.18
C LYS A 74 -7.56 -9.54 2.71
N LEU A 75 -8.67 -10.16 2.29
CA LEU A 75 -9.14 -10.00 0.91
C LEU A 75 -9.66 -8.58 0.63
N PHE A 76 -10.41 -8.05 1.58
CA PHE A 76 -10.95 -6.70 1.52
C PHE A 76 -9.84 -5.67 1.51
N MET A 77 -8.87 -5.86 2.37
CA MET A 77 -7.76 -4.93 2.48
C MET A 77 -6.92 -4.94 1.22
N ALA A 78 -6.75 -6.08 0.59
CA ALA A 78 -5.88 -6.17 -0.54
C ALA A 78 -6.48 -5.40 -1.75
N ASP A 79 -7.81 -5.48 -1.90
CA ASP A 79 -8.51 -4.81 -2.99
C ASP A 79 -8.50 -3.30 -2.78
N LEU A 80 -8.75 -2.87 -1.56
CA LEU A 80 -8.71 -1.46 -1.31
C LEU A 80 -7.32 -0.95 -1.42
N GLN A 81 -6.35 -1.69 -0.92
CA GLN A 81 -4.95 -1.26 -1.02
CA GLN A 81 -4.95 -1.27 -1.00
C GLN A 81 -4.53 -1.16 -2.47
N ARG A 82 -5.03 -2.04 -3.30
CA ARG A 82 -4.78 -2.04 -4.75
C ARG A 82 -5.27 -0.76 -5.41
N VAL A 83 -6.44 -0.29 -4.98
CA VAL A 83 -6.94 0.98 -5.43
C VAL A 83 -5.88 2.06 -5.23
N PHE A 84 -5.23 2.03 -4.05
CA PHE A 84 -4.30 3.12 -3.71
C PHE A 84 -2.97 3.01 -4.40
N THR A 85 -2.44 1.80 -4.47
CA THR A 85 -1.15 1.54 -5.07
C THR A 85 -1.22 1.69 -6.63
N ASN A 86 -2.32 1.32 -7.25
CA ASN A 86 -2.53 1.65 -8.69
C ASN A 86 -2.42 3.12 -8.91
N CYS A 87 -3.14 3.88 -8.09
CA CYS A 87 -3.20 5.31 -8.21
C CYS A 87 -1.85 5.96 -7.99
N LYS A 88 -1.07 5.45 -7.05
CA LYS A 88 0.24 6.02 -6.79
C LYS A 88 1.32 5.59 -7.79
N GLU A 89 1.16 4.42 -8.38
CA GLU A 89 2.00 3.99 -9.52
C GLU A 89 1.75 4.83 -10.78
N TYR A 90 0.49 5.10 -11.07
CA TYR A 90 0.13 5.76 -12.33
C TYR A 90 0.32 7.28 -12.30
N ASN A 91 -0.03 7.90 -11.18
CA ASN A 91 -0.15 9.35 -11.11
C ASN A 91 1.05 10.06 -10.45
N PRO A 92 1.38 11.26 -10.95
CA PRO A 92 2.47 12.03 -10.32
C PRO A 92 2.22 12.29 -8.83
N PRO A 93 3.29 12.39 -8.02
CA PRO A 93 3.17 12.47 -6.54
C PRO A 93 2.42 13.69 -6.00
N GLU A 94 2.49 14.80 -6.72
CA GLU A 94 1.76 15.99 -6.34
C GLU A 94 0.44 16.16 -7.08
N SER A 95 -0.04 15.12 -7.77
CA SER A 95 -1.33 15.22 -8.42
C SER A 95 -2.42 15.14 -7.38
N GLU A 96 -3.57 15.70 -7.76
CA GLU A 96 -4.77 15.60 -6.95
C GLU A 96 -5.16 14.13 -6.70
N TYR A 97 -4.92 13.27 -7.69
CA TYR A 97 -5.30 11.87 -7.57
C TYR A 97 -4.48 11.20 -6.48
N TYR A 98 -3.16 11.46 -6.49
CA TYR A 98 -2.27 10.94 -5.46
C TYR A 98 -2.66 11.48 -4.07
N LYS A 99 -2.93 12.78 -3.95
CA LYS A 99 -3.30 13.37 -2.66
C LYS A 99 -4.54 12.70 -2.12
N CYS A 100 -5.56 12.53 -2.97
CA CYS A 100 -6.80 11.84 -2.60
C CYS A 100 -6.52 10.41 -2.08
N ALA A 101 -5.64 9.69 -2.75
CA ALA A 101 -5.32 8.34 -2.35
C ALA A 101 -4.81 8.30 -0.90
N ASN A 102 -3.93 9.22 -0.54
CA ASN A 102 -3.32 9.19 0.77
C ASN A 102 -4.30 9.64 1.85
N ILE A 103 -5.07 10.67 1.53
CA ILE A 103 -6.16 11.13 2.40
C ILE A 103 -7.16 10.02 2.67
N LEU A 104 -7.63 9.38 1.62
CA LEU A 104 -8.63 8.34 1.79
C LEU A 104 -8.08 7.12 2.47
N GLU A 105 -6.82 6.81 2.23
CA GLU A 105 -6.14 5.73 2.91
C GLU A 105 -6.06 5.97 4.42
N LYS A 106 -5.74 7.19 4.83
CA LYS A 106 -5.73 7.54 6.25
C LYS A 106 -7.12 7.33 6.83
N PHE A 107 -8.14 7.80 6.12
CA PHE A 107 -9.51 7.64 6.59
C PHE A 107 -9.85 6.17 6.75
N PHE A 108 -9.52 5.41 5.73
CA PHE A 108 -9.67 3.98 5.72
C PHE A 108 -9.07 3.27 6.96
N PHE A 109 -7.78 3.49 7.22
CA PHE A 109 -7.15 2.89 8.37
C PHE A 109 -7.81 3.30 9.70
N SER A 110 -8.28 4.54 9.80
CA SER A 110 -8.94 5.00 11.01
C SER A 110 -10.23 4.21 11.22
N LYS A 111 -10.96 3.94 10.16
CA LYS A 111 -12.20 3.14 10.25
C LYS A 111 -11.97 1.67 10.50
N ILE A 112 -10.89 1.12 9.95
CA ILE A 112 -10.40 -0.23 10.26
C ILE A 112 -10.06 -0.42 11.77
N LYS A 113 -9.31 0.51 12.36
CA LYS A 113 -8.99 0.45 13.80
C LYS A 113 -10.27 0.61 14.61
N GLU A 114 -11.06 1.61 14.26
CA GLU A 114 -12.33 1.87 14.92
C GLU A 114 -13.25 0.65 14.98
N ALA A 115 -13.21 -0.20 13.95
CA ALA A 115 -14.01 -1.43 13.93
C ALA A 115 -13.43 -2.60 14.74
N GLY A 116 -12.16 -2.52 15.12
CA GLY A 116 -11.44 -3.65 15.75
C GLY A 116 -11.18 -4.82 14.81
N LEU A 117 -11.07 -4.52 13.52
CA LEU A 117 -10.98 -5.56 12.52
C LEU A 117 -9.60 -6.19 12.46
N ILE A 118 -9.52 -7.45 12.89
CA ILE A 118 -8.31 -8.27 12.82
C ILE A 118 -8.63 -9.54 12.02
N ASP A 119 -7.56 -10.22 11.61
CA ASP A 119 -7.67 -11.58 11.04
C ASP A 119 -7.66 -12.63 12.14
N ASP B 12 24.38 -8.37 -17.15
CA ASP B 12 24.19 -9.71 -16.52
C ASP B 12 22.77 -9.78 -15.87
N PRO B 13 22.48 -10.86 -15.08
CA PRO B 13 21.39 -10.80 -14.06
C PRO B 13 21.68 -9.80 -12.93
N ASP B 14 22.95 -9.40 -12.79
CA ASP B 14 23.32 -8.31 -11.94
C ASP B 14 22.84 -6.96 -12.43
N GLN B 15 22.07 -6.90 -13.52
CA GLN B 15 21.47 -5.64 -13.98
C GLN B 15 20.31 -5.24 -13.03
N LEU B 16 19.43 -6.20 -12.76
CA LEU B 16 18.37 -6.03 -11.77
C LEU B 16 18.96 -5.81 -10.36
N TYR B 17 19.86 -6.71 -9.96
CA TYR B 17 20.57 -6.63 -8.70
C TYR B 17 21.16 -5.24 -8.46
N SER B 18 21.84 -4.68 -9.46
CA SER B 18 22.46 -3.35 -9.32
C SER B 18 21.43 -2.26 -9.13
N THR B 19 20.43 -2.24 -10.01
CA THR B 19 19.30 -1.28 -9.93
C THR B 19 18.64 -1.35 -8.54
N LEU B 20 18.34 -2.57 -8.09
CA LEU B 20 17.68 -2.76 -6.81
C LEU B 20 18.55 -2.31 -5.62
N LYS B 21 19.83 -2.64 -5.68
CA LYS B 21 20.78 -2.22 -4.66
C LYS B 21 20.87 -0.70 -4.56
N SER B 22 20.96 -0.06 -5.72
CA SER B 22 20.98 1.40 -5.79
C SER B 22 19.72 1.96 -5.17
N ILE B 23 18.57 1.49 -5.61
CA ILE B 23 17.30 1.98 -5.06
C ILE B 23 17.17 1.75 -3.56
N LEU B 24 17.46 0.54 -3.10
CA LEU B 24 17.41 0.24 -1.67
C LEU B 24 18.34 1.11 -0.85
N GLN B 25 19.51 1.38 -1.39
CA GLN B 25 20.50 2.18 -0.67
C GLN B 25 20.03 3.60 -0.50
N GLN B 26 19.43 4.14 -1.56
CA GLN B 26 18.91 5.49 -1.51
C GLN B 26 17.73 5.59 -0.55
N VAL B 27 16.91 4.57 -0.53
CA VAL B 27 15.79 4.53 0.41
C VAL B 27 16.33 4.50 1.86
N LYS B 28 17.31 3.64 2.13
CA LYS B 28 17.94 3.56 3.46
C LYS B 28 18.69 4.81 3.91
N SER B 29 19.27 5.55 2.96
CA SER B 29 19.96 6.83 3.24
C SER B 29 19.01 8.01 3.43
N HIS B 30 17.76 7.85 3.03
CA HIS B 30 16.80 8.91 3.10
C HIS B 30 16.52 9.22 4.58
N GLN B 31 16.25 10.47 4.86
CA GLN B 31 16.10 10.99 6.20
C GLN B 31 14.81 10.52 6.91
N SER B 32 13.78 10.18 6.14
CA SER B 32 12.56 9.55 6.66
C SER B 32 12.59 8.00 6.74
N ALA B 33 13.73 7.39 6.48
CA ALA B 33 13.87 5.92 6.58
C ALA B 33 14.12 5.40 7.99
N TRP B 34 14.41 6.27 8.96
CA TRP B 34 14.85 5.83 10.30
C TRP B 34 13.87 4.89 11.03
N PRO B 35 12.56 5.08 10.89
CA PRO B 35 11.69 4.11 11.58
C PRO B 35 11.73 2.69 11.05
N PHE B 36 12.21 2.49 9.83
CA PHE B 36 12.04 1.22 9.12
C PHE B 36 13.34 0.46 8.98
N MET B 37 14.39 0.92 9.66
CA MET B 37 15.73 0.38 9.45
C MET B 37 15.91 -1.02 10.00
N GLU B 38 15.19 -1.36 11.07
CA GLU B 38 15.25 -2.69 11.65
C GLU B 38 13.87 -3.22 11.99
N PRO B 39 13.72 -4.55 12.21
CA PRO B 39 12.45 -5.10 12.66
C PRO B 39 11.84 -4.40 13.86
N VAL B 40 10.52 -4.24 13.81
CA VAL B 40 9.74 -3.78 14.95
C VAL B 40 9.93 -4.74 16.13
N LYS B 41 10.29 -4.21 17.29
CA LYS B 41 10.43 -5.07 18.50
C LYS B 41 9.07 -5.18 19.21
N ARG B 42 8.67 -6.42 19.49
CA ARG B 42 7.42 -6.72 20.21
C ARG B 42 7.32 -5.96 21.56
N THR B 43 8.46 -5.84 22.23
CA THR B 43 8.53 -5.16 23.52
C THR B 43 8.22 -3.67 23.38
N GLU B 44 8.55 -3.07 22.24
CA GLU B 44 8.21 -1.68 22.00
C GLU B 44 6.81 -1.47 21.44
N ALA B 45 6.22 -2.46 20.77
CA ALA B 45 4.91 -2.21 20.11
C ALA B 45 3.76 -3.13 20.52
N PRO B 46 2.91 -2.66 21.48
CA PRO B 46 1.77 -3.49 21.98
C PRO B 46 0.84 -3.97 20.86
N GLY B 47 0.67 -5.29 20.76
CA GLY B 47 -0.28 -5.86 19.83
C GLY B 47 0.11 -5.81 18.35
N TYR B 48 1.36 -5.45 18.04
CA TYR B 48 1.82 -5.28 16.66
C TYR B 48 1.77 -6.61 15.89
N TYR B 49 2.44 -7.63 16.44
CA TYR B 49 2.51 -8.92 15.79
C TYR B 49 1.19 -9.68 15.80
N GLU B 50 0.18 -9.19 16.54
CA GLU B 50 -1.15 -9.77 16.50
C GLU B 50 -1.86 -9.32 15.23
N VAL B 51 -1.68 -8.04 14.89
CA VAL B 51 -2.42 -7.39 13.78
C VAL B 51 -1.64 -7.34 12.45
N ILE B 52 -0.30 -7.31 12.52
CA ILE B 52 0.53 -7.22 11.34
C ILE B 52 1.07 -8.63 11.05
N ARG B 53 0.54 -9.25 10.01
CA ARG B 53 0.85 -10.64 9.67
C ARG B 53 2.19 -10.83 8.98
N PHE B 54 2.55 -9.89 8.10
CA PHE B 54 3.79 -9.98 7.31
C PHE B 54 4.67 -8.75 7.59
N PRO B 55 5.39 -8.77 8.72
CA PRO B 55 6.27 -7.64 9.05
C PRO B 55 7.44 -7.55 8.07
N MET B 56 7.96 -6.35 7.84
CA MET B 56 9.08 -6.14 6.92
C MET B 56 9.81 -4.90 7.31
N ASP B 57 11.10 -4.85 7.01
CA ASP B 57 11.96 -3.73 7.34
C ASP B 57 13.14 -3.72 6.38
N LEU B 58 13.89 -2.66 6.42
CA LEU B 58 14.93 -2.44 5.42
C LEU B 58 16.19 -3.26 5.65
N LYS B 59 16.47 -3.64 6.91
CA LYS B 59 17.54 -4.57 7.20
C LYS B 59 17.28 -5.94 6.58
N THR B 60 16.10 -6.50 6.84
CA THR B 60 15.64 -7.74 6.24
C THR B 60 15.67 -7.67 4.70
N MET B 61 15.28 -6.54 4.14
CA MET B 61 15.30 -6.37 2.69
C MET B 61 16.72 -6.37 2.14
N SER B 62 17.66 -5.77 2.88
CA SER B 62 19.08 -5.83 2.51
C SER B 62 19.63 -7.25 2.49
N GLU B 63 19.21 -8.06 3.44
CA GLU B 63 19.68 -9.43 3.51
C GLU B 63 19.12 -10.15 2.33
N ARG B 64 17.80 -10.05 2.15
CA ARG B 64 17.13 -10.71 1.05
C ARG B 64 17.78 -10.33 -0.27
N LEU B 65 18.11 -9.06 -0.45
CA LEU B 65 18.82 -8.62 -1.64
C LEU B 65 20.18 -9.31 -1.81
N LYS B 66 20.98 -9.28 -0.75
CA LYS B 66 22.28 -9.97 -0.72
C LYS B 66 22.12 -11.46 -0.93
N ASN B 67 21.01 -12.01 -0.45
CA ASN B 67 20.71 -13.46 -0.63
C ASN B 67 20.11 -13.80 -2.01
N ARG B 68 20.12 -12.84 -2.95
CA ARG B 68 19.60 -13.04 -4.32
C ARG B 68 18.12 -13.53 -4.34
N TYR B 69 17.31 -13.03 -3.40
CA TYR B 69 15.88 -13.31 -3.36
C TYR B 69 15.10 -12.46 -4.37
N TYR B 70 15.54 -11.23 -4.63
CA TYR B 70 14.79 -10.32 -5.51
C TYR B 70 15.13 -10.60 -6.99
N VAL B 71 14.62 -11.74 -7.49
CA VAL B 71 14.76 -12.13 -8.91
C VAL B 71 13.78 -11.39 -9.87
N SER B 72 12.89 -10.56 -9.31
CA SER B 72 11.98 -9.72 -10.11
C SER B 72 11.66 -8.43 -9.43
N LYS B 73 11.26 -7.46 -10.23
CA LYS B 73 10.71 -6.21 -9.77
C LYS B 73 9.59 -6.43 -8.75
N LYS B 74 8.65 -7.31 -9.07
CA LYS B 74 7.46 -7.47 -8.23
C LYS B 74 7.78 -7.93 -6.81
N LEU B 75 8.80 -8.79 -6.64
CA LEU B 75 9.14 -9.27 -5.30
C LEU B 75 9.71 -8.16 -4.43
N PHE B 76 10.55 -7.32 -5.02
CA PHE B 76 11.12 -6.16 -4.35
C PHE B 76 10.07 -5.10 -3.99
N MET B 77 9.16 -4.80 -4.93
CA MET B 77 8.10 -3.82 -4.72
C MET B 77 7.16 -4.25 -3.66
N ALA B 78 6.86 -5.55 -3.60
CA ALA B 78 5.90 -6.04 -2.61
C ALA B 78 6.43 -5.87 -1.19
N ASP B 79 7.72 -6.13 -1.01
CA ASP B 79 8.37 -6.04 0.31
C ASP B 79 8.45 -4.59 0.77
N LEU B 80 8.87 -3.71 -0.11
CA LEU B 80 8.96 -2.34 0.28
C LEU B 80 7.60 -1.72 0.48
N GLN B 81 6.64 -2.10 -0.36
CA GLN B 81 5.28 -1.62 -0.13
C GLN B 81 4.73 -2.07 1.23
N ARG B 82 5.07 -3.29 1.60
CA ARG B 82 4.70 -3.87 2.88
C ARG B 82 5.20 -3.06 4.06
N VAL B 83 6.41 -2.56 3.96
CA VAL B 83 6.95 -1.71 4.99
C VAL B 83 6.01 -0.55 5.24
N PHE B 84 5.48 0.05 4.16
CA PHE B 84 4.69 1.27 4.30
C PHE B 84 3.31 0.99 4.80
N THR B 85 2.69 -0.04 4.27
CA THR B 85 1.32 -0.35 4.59
C THR B 85 1.19 -0.89 6.02
N ASN B 86 2.17 -1.69 6.47
CA ASN B 86 2.20 -2.10 7.86
C ASN B 86 2.20 -0.87 8.77
N CYS B 87 3.10 0.05 8.49
CA CYS B 87 3.28 1.24 9.32
C CYS B 87 2.01 2.10 9.34
N LYS B 88 1.33 2.20 8.22
CA LYS B 88 0.16 3.03 8.15
C LYS B 88 -1.06 2.41 8.79
N GLU B 89 -1.14 1.07 8.76
CA GLU B 89 -2.22 0.40 9.46
C GLU B 89 -2.04 0.50 10.98
N TYR B 90 -0.81 0.35 11.46
CA TYR B 90 -0.55 0.27 12.88
C TYR B 90 -0.54 1.66 13.57
N ASN B 91 0.06 2.65 12.95
CA ASN B 91 0.31 3.93 13.62
C ASN B 91 -0.78 5.02 13.36
N PRO B 92 -1.04 5.92 14.35
CA PRO B 92 -2.00 7.01 14.15
C PRO B 92 -1.61 7.89 12.97
N PRO B 93 -2.62 8.42 12.25
CA PRO B 93 -2.39 9.03 10.93
C PRO B 93 -1.47 10.27 10.99
N GLU B 94 -1.50 11.00 12.11
CA GLU B 94 -0.67 12.17 12.27
C GLU B 94 0.60 11.86 13.03
N SER B 95 0.91 10.58 13.24
CA SER B 95 2.16 10.23 13.91
C SER B 95 3.32 10.53 12.98
N GLU B 96 4.49 10.75 13.58
CA GLU B 96 5.74 10.91 12.87
C GLU B 96 6.04 9.65 12.02
N TYR B 97 5.64 8.46 12.50
CA TYR B 97 5.88 7.21 11.76
C TYR B 97 5.09 7.18 10.49
N TYR B 98 3.81 7.56 10.57
CA TYR B 98 2.93 7.65 9.40
C TYR B 98 3.43 8.68 8.38
N LYS B 99 3.80 9.87 8.85
CA LYS B 99 4.35 10.91 7.97
C LYS B 99 5.57 10.40 7.21
N CYS B 100 6.49 9.75 7.93
CA CYS B 100 7.70 9.18 7.32
C CYS B 100 7.36 8.14 6.23
N ALA B 101 6.36 7.32 6.51
CA ALA B 101 5.97 6.32 5.58
C ALA B 101 5.54 6.93 4.24
N ASN B 102 4.74 7.99 4.28
CA ASN B 102 4.23 8.55 3.06
C ASN B 102 5.26 9.35 2.28
N ILE B 103 6.10 10.09 3.02
CA ILE B 103 7.24 10.75 2.46
C ILE B 103 8.16 9.75 1.76
N LEU B 104 8.54 8.69 2.47
CA LEU B 104 9.49 7.71 1.92
C LEU B 104 8.89 6.89 0.80
N GLU B 105 7.60 6.64 0.87
CA GLU B 105 6.86 6.01 -0.25
C GLU B 105 6.86 6.87 -1.49
N LYS B 106 6.66 8.20 -1.34
CA LYS B 106 6.75 9.11 -2.49
C LYS B 106 8.12 9.04 -3.08
N PHE B 107 9.12 9.07 -2.22
CA PHE B 107 10.49 9.03 -2.69
C PHE B 107 10.72 7.75 -3.47
N PHE B 108 10.28 6.66 -2.90
CA PHE B 108 10.39 5.35 -3.49
C PHE B 108 9.80 5.27 -4.90
N PHE B 109 8.52 5.64 -5.05
CA PHE B 109 7.87 5.62 -6.39
C PHE B 109 8.60 6.51 -7.38
N SER B 110 9.15 7.66 -6.93
CA SER B 110 9.93 8.52 -7.82
C SER B 110 11.19 7.80 -8.33
N LYS B 111 11.88 7.09 -7.46
CA LYS B 111 13.09 6.33 -7.86
C LYS B 111 12.81 5.11 -8.72
N ILE B 112 11.69 4.45 -8.49
CA ILE B 112 11.19 3.36 -9.34
C ILE B 112 10.89 3.82 -10.77
N LYS B 113 10.17 4.94 -10.93
CA LYS B 113 9.91 5.50 -12.27
C LYS B 113 11.21 5.95 -12.91
N GLU B 114 12.03 6.67 -12.15
CA GLU B 114 13.34 7.13 -12.61
C GLU B 114 14.21 6.01 -13.19
N ALA B 115 14.13 4.81 -12.61
CA ALA B 115 14.92 3.64 -13.08
C ALA B 115 14.35 2.94 -14.31
N GLY B 116 13.09 3.24 -14.65
CA GLY B 116 12.39 2.55 -15.73
C GLY B 116 12.07 1.11 -15.37
N LEU B 117 11.94 0.83 -14.09
CA LEU B 117 11.71 -0.51 -13.61
C LEU B 117 10.22 -0.81 -13.81
N ILE B 118 9.37 0.05 -13.24
CA ILE B 118 7.90 -0.01 -13.40
C ILE B 118 7.43 1.33 -14.01
N ASP B 119 6.97 1.30 -15.27
CA ASP B 119 6.26 2.47 -15.91
C ASP B 119 5.93 2.17 -17.37
#